data_3UDW
#
_entry.id   3UDW
#
_cell.length_a   95.606
_cell.length_b   95.606
_cell.length_c   149.614
_cell.angle_alpha   90.00
_cell.angle_beta   90.00
_cell.angle_gamma   120.00
#
_symmetry.space_group_name_H-M   'P 32 2 1'
#
loop_
_entity.id
_entity.type
_entity.pdbx_description
1 polymer 'T cell immunoreceptor with Ig and ITIM domains'
2 polymer 'Poliovirus receptor'
3 non-polymer 2-acetamido-2-deoxy-beta-D-glucopyranose
#
loop_
_entity_poly.entity_id
_entity_poly.type
_entity_poly.pdbx_seq_one_letter_code
_entity_poly.pdbx_strand_id
1 'polypeptide(L)'
;GSHMMTGTIETTGNISAEKGGSIILQCHLSSTTAQVTQVNWEQQDQLLAICNADLGWHISPSFKDRVAPGPGLGLTLQSL
TVNDTGEYFCIYHTYPDGTYTGRIFLEVLE
;
A,B
2 'polypeptide(L)'
;DVVVQAPTQVPGFLGDSVTLPCYLQVPNMEVTHVSQLTWARHGESGSMAVFHQTQGPSYSESKRLEFVAARLGAELRNAS
LRMFGLRVEDEGNYTCLFVTFPQGSRSVDIWLRVLAKP
;
C,D
#
loop_
_chem_comp.id
_chem_comp.type
_chem_comp.name
_chem_comp.formula
NAG D-saccharide, beta linking 2-acetamido-2-deoxy-beta-D-glucopyranose 'C8 H15 N O6'
#
# COMPACT_ATOMS: atom_id res chain seq x y z
N MET A 5 19.07 6.96 -16.05
CA MET A 5 18.96 6.89 -14.60
C MET A 5 18.04 5.79 -14.07
N THR A 6 18.15 5.52 -12.77
CA THR A 6 17.48 4.39 -12.14
C THR A 6 16.20 4.64 -11.35
N GLY A 7 15.36 3.62 -11.32
CA GLY A 7 14.09 3.69 -10.65
C GLY A 7 13.29 2.47 -11.06
N THR A 8 12.98 1.64 -10.08
CA THR A 8 12.18 0.46 -10.34
C THR A 8 10.82 0.62 -9.69
N ILE A 9 9.88 -0.23 -10.08
CA ILE A 9 8.53 -0.21 -9.57
C ILE A 9 8.08 -1.63 -9.28
N GLU A 10 7.79 -1.93 -8.00
CA GLU A 10 7.17 -3.20 -7.61
C GLU A 10 5.66 -3.03 -7.67
N THR A 11 4.94 -4.11 -8.00
CA THR A 11 3.48 -4.06 -7.98
C THR A 11 2.87 -5.12 -7.08
N THR A 12 1.56 -5.06 -6.92
CA THR A 12 0.86 -5.97 -6.03
C THR A 12 0.57 -7.30 -6.70
N GLY A 13 1.11 -7.46 -7.89
CA GLY A 13 0.98 -8.70 -8.61
C GLY A 13 -0.26 -8.76 -9.47
N ASN A 14 -0.24 -9.68 -10.43
CA ASN A 14 -1.34 -9.87 -11.35
C ASN A 14 -2.44 -10.69 -10.68
N ILE A 15 -3.61 -10.09 -10.52
CA ILE A 15 -4.71 -10.68 -9.77
C ILE A 15 -5.59 -11.62 -10.57
N SER A 16 -6.28 -12.47 -9.83
CA SER A 16 -7.43 -13.18 -10.36
C SER A 16 -8.39 -13.25 -9.19
N ALA A 17 -9.42 -12.43 -9.23
CA ALA A 17 -10.39 -12.36 -8.15
C ALA A 17 -11.78 -12.72 -8.66
N GLU A 18 -12.80 -12.55 -7.80
CA GLU A 18 -14.16 -12.90 -8.17
C GLU A 18 -15.15 -11.74 -8.05
N LYS A 19 -16.30 -11.91 -8.70
CA LYS A 19 -17.40 -10.93 -8.76
C LYS A 19 -17.85 -10.47 -7.39
N GLY A 20 -18.26 -9.20 -7.31
CA GLY A 20 -18.60 -8.58 -6.04
C GLY A 20 -17.41 -8.29 -5.14
N GLY A 21 -16.22 -8.74 -5.52
CA GLY A 21 -15.05 -8.64 -4.67
C GLY A 21 -14.53 -7.23 -4.45
N SER A 22 -13.64 -7.09 -3.46
CA SER A 22 -12.85 -5.88 -3.30
C SER A 22 -11.37 -6.25 -3.38
N ILE A 23 -10.59 -5.44 -4.10
CA ILE A 23 -9.19 -5.74 -4.28
C ILE A 23 -8.40 -4.46 -4.08
N ILE A 24 -7.17 -4.57 -3.60
CA ILE A 24 -6.30 -3.41 -3.47
C ILE A 24 -5.30 -3.45 -4.59
N LEU A 25 -5.08 -2.30 -5.23
CA LEU A 25 -4.04 -2.19 -6.25
C LEU A 25 -2.96 -1.25 -5.75
N GLN A 26 -1.72 -1.71 -5.76
CA GLN A 26 -0.68 -0.79 -5.34
C GLN A 26 0.70 -0.99 -5.96
N CYS A 27 1.39 0.12 -6.16
CA CYS A 27 2.74 0.11 -6.67
C CYS A 27 3.66 0.74 -5.65
N HIS A 28 4.96 0.47 -5.79
CA HIS A 28 5.95 1.22 -5.01
C HIS A 28 7.15 1.50 -5.90
N LEU A 29 7.63 2.74 -5.85
CA LEU A 29 8.74 3.14 -6.70
C LEU A 29 9.99 3.28 -5.86
N SER A 30 11.06 2.61 -6.28
CA SER A 30 12.29 2.58 -5.49
C SER A 30 13.55 2.81 -6.28
N SER A 31 14.67 2.75 -5.55
CA SER A 31 16.01 2.82 -6.09
C SER A 31 16.22 4.20 -6.73
N THR A 32 15.54 5.19 -6.16
CA THR A 32 15.66 6.55 -6.65
C THR A 32 15.27 7.60 -5.59
N THR A 33 16.01 8.70 -5.57
CA THR A 33 15.75 9.78 -4.63
C THR A 33 14.82 10.83 -5.24
N ALA A 34 14.37 10.55 -6.47
CA ALA A 34 13.49 11.47 -7.18
C ALA A 34 12.16 11.67 -6.46
N GLN A 35 11.70 12.92 -6.44
CA GLN A 35 10.45 13.30 -5.80
C GLN A 35 9.24 13.02 -6.68
N VAL A 36 8.20 12.44 -6.09
CA VAL A 36 6.99 12.16 -6.86
C VAL A 36 6.07 13.36 -7.00
N THR A 37 5.80 13.73 -8.24
CA THR A 37 4.95 14.87 -8.52
C THR A 37 3.49 14.42 -8.47
N GLN A 38 3.19 13.33 -9.17
CA GLN A 38 1.86 12.78 -9.08
C GLN A 38 1.80 11.37 -9.61
N VAL A 39 0.79 10.62 -9.17
CA VAL A 39 0.64 9.23 -9.58
C VAL A 39 -0.67 9.12 -10.32
N ASN A 40 -0.65 8.46 -11.48
CA ASN A 40 -1.85 8.35 -12.30
C ASN A 40 -2.23 6.90 -12.39
N TRP A 41 -3.46 6.57 -12.06
CA TRP A 41 -3.94 5.21 -12.23
C TRP A 41 -4.88 5.19 -13.42
N GLU A 42 -4.58 4.35 -14.39
CA GLU A 42 -5.35 4.36 -15.63
C GLU A 42 -5.30 3.04 -16.37
N GLN A 43 -5.95 3.05 -17.52
CA GLN A 43 -6.03 1.93 -18.44
C GLN A 43 -5.76 2.63 -19.76
N GLN A 44 -5.44 1.88 -20.80
CA GLN A 44 -5.17 2.54 -22.06
C GLN A 44 -6.41 3.32 -22.45
N ASP A 45 -7.58 2.71 -22.25
CA ASP A 45 -8.85 3.36 -22.57
C ASP A 45 -9.20 4.60 -21.74
N GLN A 46 -8.95 4.57 -20.43
CA GLN A 46 -9.30 5.71 -19.57
C GLN A 46 -8.54 5.89 -18.25
N LEU A 47 -8.69 7.07 -17.66
CA LEU A 47 -8.06 7.44 -16.39
C LEU A 47 -8.95 7.15 -15.18
N LEU A 48 -8.51 6.20 -14.35
CA LEU A 48 -9.24 5.84 -13.12
C LEU A 48 -9.10 6.92 -12.06
N ALA A 49 -7.88 7.23 -11.65
CA ALA A 49 -7.71 8.29 -10.66
C ALA A 49 -6.30 8.86 -10.64
N ILE A 50 -6.07 9.82 -9.75
CA ILE A 50 -4.81 10.56 -9.72
C ILE A 50 -4.58 10.97 -8.30
N CYS A 51 -3.42 10.67 -7.76
CA CYS A 51 -3.04 11.20 -6.49
C CYS A 51 -1.92 12.20 -6.73
N ASN A 52 -2.27 13.49 -6.66
CA ASN A 52 -1.29 14.53 -6.87
C ASN A 52 -0.76 14.99 -5.52
N ALA A 53 0.54 15.24 -5.45
CA ALA A 53 1.19 15.53 -4.16
C ALA A 53 0.70 16.82 -3.48
N ASP A 54 0.15 17.76 -4.23
CA ASP A 54 -0.32 19.02 -3.63
C ASP A 54 -1.83 19.10 -3.62
N LEU A 55 -2.48 18.47 -4.59
CA LEU A 55 -3.91 18.61 -4.78
C LEU A 55 -4.72 17.43 -4.22
N GLY A 56 -4.01 16.43 -3.72
CA GLY A 56 -4.68 15.26 -3.18
C GLY A 56 -5.25 14.40 -4.29
N TRP A 57 -6.34 13.72 -3.98
CA TRP A 57 -6.90 12.71 -4.87
C TRP A 57 -7.95 13.30 -5.79
N HIS A 58 -7.97 12.77 -7.02
CA HIS A 58 -9.09 12.97 -7.94
C HIS A 58 -9.49 11.61 -8.49
N ILE A 59 -10.78 11.33 -8.47
CA ILE A 59 -11.34 10.09 -9.02
C ILE A 59 -12.25 10.35 -10.23
N SER A 60 -11.93 9.71 -11.35
CA SER A 60 -12.72 9.87 -12.55
C SER A 60 -14.17 9.55 -12.26
N PRO A 61 -15.10 10.40 -12.72
CA PRO A 61 -16.53 10.33 -12.42
C PRO A 61 -17.21 8.96 -12.60
N SER A 62 -16.88 8.26 -13.67
CA SER A 62 -17.47 6.94 -13.92
C SER A 62 -16.78 5.82 -13.14
N PHE A 63 -16.02 6.19 -12.11
CA PHE A 63 -15.41 5.23 -11.20
C PHE A 63 -15.72 5.61 -9.77
N LYS A 64 -16.18 6.85 -9.58
CA LYS A 64 -16.35 7.38 -8.24
C LYS A 64 -17.08 6.44 -7.29
N ASP A 65 -18.17 5.84 -7.75
CA ASP A 65 -19.00 5.00 -6.88
C ASP A 65 -18.34 3.67 -6.48
N ARG A 66 -17.33 3.23 -7.23
CA ARG A 66 -16.69 1.94 -6.97
C ARG A 66 -15.15 2.00 -7.04
N VAL A 67 -14.58 3.09 -6.55
CA VAL A 67 -13.15 3.16 -6.34
C VAL A 67 -12.82 4.05 -5.15
N ALA A 68 -12.17 3.47 -4.14
CA ALA A 68 -11.70 4.20 -2.97
C ALA A 68 -10.21 4.55 -3.10
N PRO A 69 -9.82 5.78 -2.74
CA PRO A 69 -8.39 6.10 -2.78
C PRO A 69 -7.62 5.28 -1.78
N GLY A 70 -6.32 5.11 -1.99
CA GLY A 70 -5.49 4.42 -1.03
C GLY A 70 -5.68 2.91 -1.07
N PRO A 71 -5.03 2.20 -0.12
CA PRO A 71 -4.14 2.81 0.87
C PRO A 71 -2.91 3.41 0.20
N GLY A 72 -2.37 4.48 0.78
CA GLY A 72 -1.22 5.18 0.23
C GLY A 72 -1.58 5.69 -1.16
N LEU A 73 -0.67 5.47 -2.11
CA LEU A 73 -0.86 5.82 -3.52
C LEU A 73 -1.48 4.67 -4.30
N GLY A 74 -2.14 3.77 -3.58
CA GLY A 74 -2.71 2.59 -4.19
C GLY A 74 -4.15 2.93 -4.44
N LEU A 75 -4.95 1.93 -4.77
CA LEU A 75 -6.34 2.14 -5.13
C LEU A 75 -7.16 0.94 -4.72
N THR A 76 -8.30 1.16 -4.06
CA THR A 76 -9.18 0.03 -3.73
C THR A 76 -10.36 -0.09 -4.68
N LEU A 77 -10.38 -1.17 -5.44
CA LEU A 77 -11.45 -1.44 -6.39
C LEU A 77 -12.61 -2.18 -5.78
N GLN A 78 -13.79 -1.59 -5.88
CA GLN A 78 -14.98 -2.14 -5.25
C GLN A 78 -16.00 -2.75 -6.22
N SER A 79 -16.76 -3.74 -5.76
CA SER A 79 -17.73 -4.43 -6.60
C SER A 79 -17.20 -4.92 -7.94
N LEU A 80 -16.13 -5.69 -7.91
CA LEU A 80 -15.57 -6.21 -9.16
C LEU A 80 -16.64 -6.76 -10.12
N THR A 81 -16.42 -6.58 -11.42
CA THR A 81 -17.23 -7.22 -12.43
C THR A 81 -16.34 -7.78 -13.52
N VAL A 82 -16.86 -8.72 -14.31
CA VAL A 82 -16.03 -9.39 -15.30
C VAL A 82 -15.40 -8.35 -16.22
N ASN A 83 -16.11 -7.25 -16.42
CA ASN A 83 -15.61 -6.16 -17.26
C ASN A 83 -14.35 -5.52 -16.70
N ASP A 84 -14.20 -5.56 -15.38
CA ASP A 84 -13.04 -4.96 -14.75
C ASP A 84 -11.74 -5.61 -15.18
N THR A 85 -11.83 -6.77 -15.82
CA THR A 85 -10.63 -7.44 -16.33
C THR A 85 -9.89 -6.57 -17.34
N GLY A 86 -8.56 -6.68 -17.36
CA GLY A 86 -7.74 -5.92 -18.27
C GLY A 86 -6.45 -5.43 -17.66
N GLU A 87 -5.66 -4.70 -18.44
CA GLU A 87 -4.44 -4.13 -17.90
C GLU A 87 -4.76 -2.94 -17.02
N TYR A 88 -3.82 -2.61 -16.14
CA TYR A 88 -3.96 -1.49 -15.21
C TYR A 88 -2.60 -0.89 -14.98
N PHE A 89 -2.52 0.42 -15.00
CA PHE A 89 -1.24 1.10 -14.96
C PHE A 89 -1.17 2.13 -13.86
N CYS A 90 -0.08 2.07 -13.12
CA CYS A 90 0.27 3.18 -12.23
C CYS A 90 1.47 3.92 -12.82
N ILE A 91 1.29 5.22 -13.06
CA ILE A 91 2.32 6.00 -13.70
C ILE A 91 2.82 7.07 -12.76
N TYR A 92 4.07 6.95 -12.37
CA TYR A 92 4.71 7.96 -11.54
C TYR A 92 5.33 9.07 -12.38
N HIS A 93 4.82 10.28 -12.15
CA HIS A 93 5.34 11.49 -12.72
C HIS A 93 6.18 12.11 -11.65
N THR A 94 7.50 12.05 -11.85
CA THR A 94 8.49 12.36 -10.84
C THR A 94 9.56 13.32 -11.39
N TYR A 95 10.22 14.03 -10.49
CA TYR A 95 11.30 14.92 -10.88
C TYR A 95 12.52 14.65 -10.02
N PRO A 96 13.72 14.64 -10.61
CA PRO A 96 14.06 14.96 -12.01
C PRO A 96 13.93 13.79 -12.97
N ASP A 97 13.65 12.61 -12.42
CA ASP A 97 13.74 11.40 -13.20
C ASP A 97 12.84 11.38 -14.42
N GLY A 98 11.59 11.81 -14.28
CA GLY A 98 10.60 11.61 -15.32
C GLY A 98 9.54 10.58 -14.97
N THR A 99 9.23 9.74 -15.94
CA THR A 99 8.10 8.82 -15.87
C THR A 99 8.44 7.37 -15.57
N TYR A 100 7.86 6.79 -14.52
CA TYR A 100 7.96 5.34 -14.40
C TYR A 100 6.59 4.72 -14.47
N THR A 101 6.51 3.48 -14.95
CA THR A 101 5.22 2.85 -15.18
C THR A 101 5.23 1.42 -14.71
N GLY A 102 4.27 1.08 -13.86
CA GLY A 102 4.12 -0.29 -13.43
C GLY A 102 2.83 -0.79 -13.98
N ARG A 103 2.77 -2.10 -14.21
CA ARG A 103 1.61 -2.74 -14.81
C ARG A 103 1.05 -3.82 -13.90
N ILE A 104 -0.26 -3.86 -13.77
CA ILE A 104 -0.97 -4.86 -12.99
C ILE A 104 -2.08 -5.43 -13.85
N PHE A 105 -2.13 -6.75 -13.97
CA PHE A 105 -3.23 -7.35 -14.71
C PHE A 105 -4.31 -7.95 -13.83
N LEU A 106 -5.50 -7.39 -13.87
CA LEU A 106 -6.61 -7.91 -13.11
C LEU A 106 -7.43 -8.86 -13.97
N GLU A 107 -7.89 -9.96 -13.37
CA GLU A 107 -8.81 -10.89 -14.01
C GLU A 107 -9.95 -11.22 -13.05
N VAL A 108 -11.19 -11.04 -13.52
CA VAL A 108 -12.36 -11.23 -12.67
C VAL A 108 -13.21 -12.39 -13.16
N LEU A 109 -13.52 -13.32 -12.26
CA LEU A 109 -14.25 -14.54 -12.60
C LEU A 109 -13.63 -15.26 -13.81
N THR B 6 -17.74 -5.88 12.36
CA THR B 6 -17.70 -4.45 12.64
C THR B 6 -16.90 -3.68 11.60
N GLY B 7 -15.70 -4.19 11.32
CA GLY B 7 -14.79 -3.55 10.40
C GLY B 7 -14.28 -4.60 9.44
N THR B 8 -13.76 -4.17 8.30
CA THR B 8 -13.48 -5.09 7.22
C THR B 8 -12.09 -4.89 6.65
N ILE B 9 -11.42 -6.00 6.38
CA ILE B 9 -10.09 -5.96 5.82
C ILE B 9 -10.08 -6.24 4.29
N GLU B 10 -9.60 -5.28 3.51
CA GLU B 10 -9.32 -5.55 2.10
C GLU B 10 -7.90 -6.03 1.93
N THR B 11 -7.70 -6.93 0.98
CA THR B 11 -6.36 -7.34 0.58
C THR B 11 -6.08 -7.19 -0.93
N THR B 12 -4.84 -7.51 -1.29
CA THR B 12 -4.43 -7.54 -2.68
C THR B 12 -5.02 -8.78 -3.38
N GLY B 13 -5.64 -9.66 -2.60
CA GLY B 13 -6.37 -10.80 -3.12
C GLY B 13 -5.51 -11.99 -3.50
N ASN B 14 -5.94 -12.74 -4.51
CA ASN B 14 -5.17 -13.90 -4.97
C ASN B 14 -4.36 -13.56 -6.21
N ILE B 15 -3.05 -13.59 -6.06
CA ILE B 15 -2.16 -13.01 -7.07
C ILE B 15 -1.07 -13.96 -7.58
N SER B 16 -0.53 -13.62 -8.76
CA SER B 16 0.56 -14.37 -9.38
C SER B 16 1.81 -13.51 -9.54
N ALA B 17 2.97 -14.17 -9.65
CA ALA B 17 4.22 -13.46 -9.96
C ALA B 17 5.29 -14.35 -10.61
N GLU B 18 6.30 -13.68 -11.17
CA GLU B 18 7.38 -14.35 -11.89
C GLU B 18 8.47 -14.81 -10.92
N LYS B 19 8.92 -16.06 -11.07
CA LYS B 19 10.09 -16.55 -10.36
C LYS B 19 11.15 -15.45 -10.34
N GLY B 20 11.69 -15.17 -9.15
CA GLY B 20 12.78 -14.21 -9.02
C GLY B 20 12.41 -12.74 -9.00
N GLY B 21 11.11 -12.46 -9.19
CA GLY B 21 10.61 -11.09 -9.16
C GLY B 21 10.14 -10.67 -7.79
N SER B 22 9.51 -9.50 -7.70
CA SER B 22 9.05 -8.96 -6.42
C SER B 22 7.51 -8.83 -6.34
N ILE B 23 6.99 -8.77 -5.12
CA ILE B 23 5.56 -8.58 -4.97
C ILE B 23 5.22 -7.78 -3.73
N ILE B 24 4.17 -6.97 -3.81
CA ILE B 24 3.71 -6.25 -2.64
C ILE B 24 2.54 -7.00 -2.01
N LEU B 25 2.64 -7.19 -0.70
CA LEU B 25 1.54 -7.71 0.10
C LEU B 25 1.00 -6.54 0.87
N GLN B 26 -0.31 -6.38 0.86
CA GLN B 26 -0.91 -5.16 1.40
C GLN B 26 -2.32 -5.43 1.91
N CYS B 27 -2.65 -4.75 3.02
CA CYS B 27 -3.98 -4.82 3.59
C CYS B 27 -4.50 -3.44 3.93
N HIS B 28 -5.82 -3.29 4.00
CA HIS B 28 -6.37 -2.08 4.56
C HIS B 28 -7.48 -2.42 5.53
N LEU B 29 -7.47 -1.81 6.71
CA LEU B 29 -8.55 -2.00 7.67
C LEU B 29 -9.52 -0.82 7.65
N SER B 30 -10.73 -1.05 7.16
CA SER B 30 -11.71 0.02 7.05
C SER B 30 -12.99 -0.25 7.84
N SER B 31 -13.87 0.75 7.91
CA SER B 31 -15.20 0.65 8.53
C SER B 31 -15.12 0.56 10.05
N THR B 32 -14.14 1.25 10.62
CA THR B 32 -13.92 1.17 12.06
C THR B 32 -12.90 2.22 12.50
N THR B 33 -13.13 2.78 13.68
CA THR B 33 -12.23 3.81 14.21
C THR B 33 -11.09 3.23 15.05
N ALA B 34 -11.15 1.92 15.32
CA ALA B 34 -10.18 1.23 16.18
C ALA B 34 -8.73 1.59 15.90
N GLN B 35 -7.95 1.80 16.97
CA GLN B 35 -6.51 2.01 16.84
C GLN B 35 -5.78 0.72 16.48
N VAL B 36 -4.82 0.79 15.57
CA VAL B 36 -3.98 -0.36 15.24
C VAL B 36 -2.77 -0.35 16.15
N THR B 37 -2.70 -1.37 16.99
CA THR B 37 -1.63 -1.53 17.95
C THR B 37 -0.46 -2.19 17.26
N GLN B 38 -0.78 -3.18 16.43
CA GLN B 38 0.25 -3.92 15.76
C GLN B 38 -0.20 -4.79 14.63
N VAL B 39 0.62 -4.92 13.59
CA VAL B 39 0.26 -5.75 12.43
C VAL B 39 1.27 -6.89 12.25
N ASN B 40 0.77 -8.11 12.16
CA ASN B 40 1.62 -9.26 12.01
C ASN B 40 1.45 -9.81 10.61
N TRP B 41 2.58 -10.07 9.96
CA TRP B 41 2.54 -10.71 8.67
C TRP B 41 3.07 -12.10 8.91
N GLU B 42 2.20 -13.08 8.72
CA GLU B 42 2.53 -14.47 9.03
C GLU B 42 2.06 -15.43 7.96
N GLN B 43 2.74 -16.56 7.83
CA GLN B 43 2.18 -17.73 7.16
C GLN B 43 1.60 -18.68 8.22
N GLN B 44 1.01 -19.80 7.78
CA GLN B 44 0.36 -20.73 8.72
C GLN B 44 1.17 -21.03 10.00
N ASP B 45 2.46 -21.30 9.82
CA ASP B 45 3.30 -21.68 10.94
C ASP B 45 4.55 -20.80 11.10
N GLN B 46 4.60 -19.68 10.39
CA GLN B 46 5.77 -18.80 10.44
C GLN B 46 5.39 -17.34 10.65
N LEU B 47 6.28 -16.58 11.28
CA LEU B 47 6.12 -15.13 11.40
C LEU B 47 7.09 -14.41 10.46
N LEU B 48 6.56 -13.73 9.45
CA LEU B 48 7.40 -12.97 8.53
C LEU B 48 7.84 -11.68 9.18
N ALA B 49 6.89 -10.91 9.70
CA ALA B 49 7.27 -9.60 10.21
C ALA B 49 6.19 -8.99 11.07
N ILE B 50 6.54 -7.87 11.70
CA ILE B 50 5.62 -7.13 12.53
C ILE B 50 5.84 -5.64 12.33
N CYS B 51 4.77 -4.89 12.15
CA CYS B 51 4.86 -3.47 12.19
C CYS B 51 4.12 -2.97 13.44
N ASN B 52 4.88 -2.58 14.46
CA ASN B 52 4.30 -2.06 15.69
C ASN B 52 4.26 -0.53 15.67
N ALA B 53 3.07 0.02 15.90
CA ALA B 53 2.90 1.47 15.92
C ALA B 53 4.04 2.18 16.65
N ASP B 54 4.30 1.77 17.89
CA ASP B 54 5.40 2.36 18.66
C ASP B 54 6.76 1.95 18.19
N LEU B 55 6.99 0.65 18.21
CA LEU B 55 8.34 0.12 18.05
C LEU B 55 8.80 0.02 16.59
N GLY B 56 7.85 0.08 15.65
CA GLY B 56 8.20 0.03 14.24
C GLY B 56 8.29 -1.39 13.70
N TRP B 57 9.19 -1.59 12.74
CA TRP B 57 9.26 -2.86 12.01
C TRP B 57 10.21 -3.86 12.66
N HIS B 58 9.79 -5.12 12.68
CA HIS B 58 10.67 -6.23 12.96
C HIS B 58 10.51 -7.26 11.86
N ILE B 59 11.62 -7.71 11.31
CA ILE B 59 11.54 -8.75 10.31
C ILE B 59 12.17 -10.04 10.79
N SER B 60 11.42 -11.12 10.64
CA SER B 60 11.95 -12.44 10.95
C SER B 60 13.25 -12.72 10.20
N PRO B 61 14.26 -13.26 10.91
CA PRO B 61 15.58 -13.62 10.39
C PRO B 61 15.48 -14.42 9.07
N SER B 62 14.56 -15.38 9.03
CA SER B 62 14.39 -16.22 7.84
C SER B 62 14.03 -15.39 6.60
N PHE B 63 13.49 -14.20 6.78
CA PHE B 63 13.06 -13.40 5.64
C PHE B 63 13.82 -12.08 5.48
N LYS B 64 14.66 -11.75 6.48
CA LYS B 64 15.34 -10.46 6.57
C LYS B 64 16.03 -9.97 5.29
N ASP B 65 16.83 -10.83 4.69
CA ASP B 65 17.67 -10.42 3.57
C ASP B 65 16.95 -10.46 2.22
N ARG B 66 15.67 -10.76 2.24
CA ARG B 66 14.93 -10.97 1.01
C ARG B 66 13.53 -10.41 1.14
N VAL B 67 13.35 -9.45 2.05
CA VAL B 67 12.04 -8.86 2.28
C VAL B 67 12.22 -7.40 2.67
N ALA B 68 11.33 -6.53 2.16
CA ALA B 68 11.38 -5.11 2.56
C ALA B 68 10.07 -4.62 3.20
N PRO B 69 10.19 -3.83 4.27
CA PRO B 69 9.00 -3.27 4.92
C PRO B 69 8.33 -2.21 4.05
N GLY B 70 7.02 -2.38 3.85
CA GLY B 70 6.21 -1.41 3.14
C GLY B 70 5.71 -1.92 1.81
N PRO B 71 4.99 -1.06 1.09
CA PRO B 71 4.73 0.28 1.59
C PRO B 71 3.70 0.22 2.74
N GLY B 72 3.80 1.19 3.64
CA GLY B 72 2.90 1.28 4.78
C GLY B 72 3.01 0.09 5.72
N LEU B 73 1.87 -0.55 5.93
CA LEU B 73 1.77 -1.73 6.76
C LEU B 73 1.88 -2.95 5.90
N GLY B 74 2.24 -2.75 4.65
CA GLY B 74 2.31 -3.85 3.71
C GLY B 74 3.71 -4.38 3.71
N LEU B 75 3.91 -5.51 3.05
CA LEU B 75 5.20 -6.16 3.08
C LEU B 75 5.65 -6.49 1.65
N THR B 76 6.90 -6.26 1.34
CA THR B 76 7.39 -6.55 0.00
C THR B 76 8.29 -7.78 -0.09
N LEU B 77 7.79 -8.84 -0.73
CA LEU B 77 8.57 -10.05 -0.98
C LEU B 77 9.51 -9.96 -2.18
N GLN B 78 10.79 -10.23 -1.93
CA GLN B 78 11.84 -10.08 -2.94
C GLN B 78 12.44 -11.41 -3.39
N SER B 79 12.90 -11.48 -4.64
CA SER B 79 13.51 -12.72 -5.11
C SER B 79 12.61 -13.92 -4.86
N LEU B 80 11.37 -13.83 -5.31
CA LEU B 80 10.40 -14.91 -5.08
C LEU B 80 10.82 -16.26 -5.65
N THR B 81 10.51 -17.30 -4.88
CA THR B 81 10.82 -18.68 -5.23
C THR B 81 9.53 -19.48 -5.14
N VAL B 82 9.44 -20.58 -5.86
CA VAL B 82 8.21 -21.36 -5.85
C VAL B 82 7.88 -21.76 -4.43
N ASN B 83 8.91 -21.83 -3.58
CA ASN B 83 8.71 -22.14 -2.18
C ASN B 83 7.82 -21.13 -1.47
N ASP B 84 7.88 -19.89 -1.95
CA ASP B 84 7.08 -18.79 -1.45
C ASP B 84 5.62 -18.88 -1.84
N THR B 85 5.24 -19.97 -2.50
CA THR B 85 3.84 -20.13 -2.89
C THR B 85 2.97 -20.49 -1.67
N GLY B 86 1.75 -19.99 -1.66
CA GLY B 86 0.81 -20.36 -0.61
C GLY B 86 0.20 -19.19 0.14
N GLU B 87 -0.50 -19.53 1.23
CA GLU B 87 -1.25 -18.59 2.06
C GLU B 87 -0.43 -17.62 2.88
N TYR B 88 -0.92 -16.39 2.92
CA TYR B 88 -0.35 -15.36 3.76
C TYR B 88 -1.44 -14.66 4.51
N PHE B 89 -1.12 -14.19 5.71
CA PHE B 89 -2.09 -13.55 6.57
C PHE B 89 -1.53 -12.25 7.09
N CYS B 90 -2.38 -11.24 7.07
CA CYS B 90 -2.11 -10.05 7.85
C CYS B 90 -3.08 -10.04 9.03
N ILE B 91 -2.52 -10.03 10.23
CA ILE B 91 -3.34 -9.93 11.45
C ILE B 91 -3.19 -8.58 12.12
N TYR B 92 -4.26 -7.82 12.11
CA TYR B 92 -4.31 -6.55 12.82
C TYR B 92 -4.72 -6.75 14.28
N HIS B 93 -3.85 -6.31 15.17
CA HIS B 93 -4.19 -6.26 16.58
C HIS B 93 -4.52 -4.81 16.94
N THR B 94 -5.80 -4.62 17.31
CA THR B 94 -6.43 -3.31 17.45
C THR B 94 -7.18 -3.11 18.76
N TYR B 95 -7.28 -1.85 19.19
CA TYR B 95 -8.09 -1.48 20.37
C TYR B 95 -9.16 -0.48 19.95
N PRO B 96 -10.39 -0.69 20.43
CA PRO B 96 -10.80 -1.77 21.33
C PRO B 96 -11.38 -2.99 20.63
N ASP B 97 -11.37 -3.01 19.30
CA ASP B 97 -12.03 -4.12 18.61
C ASP B 97 -11.39 -5.49 18.89
N GLY B 98 -10.06 -5.55 18.90
CA GLY B 98 -9.35 -6.81 18.96
C GLY B 98 -8.71 -7.21 17.64
N THR B 99 -8.90 -8.47 17.26
CA THR B 99 -8.16 -9.07 16.16
C THR B 99 -8.89 -9.17 14.81
N TYR B 100 -8.36 -8.48 13.80
CA TYR B 100 -8.86 -8.61 12.45
C TYR B 100 -7.88 -9.39 11.59
N THR B 101 -8.39 -10.22 10.68
CA THR B 101 -7.49 -11.04 9.87
C THR B 101 -7.82 -10.99 8.39
N GLY B 102 -6.79 -10.80 7.57
CA GLY B 102 -6.95 -10.85 6.13
C GLY B 102 -6.08 -11.94 5.52
N ARG B 103 -6.64 -12.59 4.50
CA ARG B 103 -5.90 -13.60 3.74
C ARG B 103 -5.48 -13.12 2.34
N ILE B 104 -4.25 -13.41 1.97
CA ILE B 104 -3.75 -13.20 0.62
C ILE B 104 -3.20 -14.52 0.12
N PHE B 105 -3.54 -14.93 -1.10
CA PHE B 105 -2.89 -16.12 -1.66
C PHE B 105 -1.87 -15.80 -2.76
N LEU B 106 -0.70 -16.43 -2.67
CA LEU B 106 0.38 -16.18 -3.63
C LEU B 106 0.70 -17.39 -4.52
N GLU B 107 0.89 -17.13 -5.82
CA GLU B 107 1.21 -18.18 -6.77
C GLU B 107 2.45 -17.80 -7.58
N VAL B 108 3.61 -18.24 -7.11
CA VAL B 108 4.86 -17.95 -7.79
C VAL B 108 5.28 -19.10 -8.68
N ASP C 1 -12.10 19.76 -23.89
CA ASP C 1 -10.95 19.09 -23.30
C ASP C 1 -9.69 19.96 -23.40
N VAL C 2 -8.64 19.60 -22.68
CA VAL C 2 -7.35 20.23 -22.85
C VAL C 2 -6.49 19.45 -23.85
N VAL C 3 -6.16 20.09 -24.97
CA VAL C 3 -5.52 19.37 -26.07
C VAL C 3 -4.11 19.85 -26.32
N VAL C 4 -3.17 18.93 -26.41
CA VAL C 4 -1.81 19.33 -26.78
C VAL C 4 -1.62 19.42 -28.30
N GLN C 5 -1.13 20.56 -28.76
CA GLN C 5 -0.84 20.77 -30.17
C GLN C 5 0.67 20.88 -30.45
N ALA C 6 1.09 20.13 -31.45
CA ALA C 6 2.48 20.09 -31.89
C ALA C 6 2.54 19.38 -33.24
N PRO C 7 3.58 19.65 -34.03
CA PRO C 7 3.81 19.07 -35.37
C PRO C 7 4.04 17.56 -35.33
N THR C 8 3.58 16.87 -36.37
CA THR C 8 3.76 15.43 -36.43
C THR C 8 5.20 15.09 -36.76
N GLN C 9 5.85 15.89 -37.61
CA GLN C 9 7.27 15.72 -37.94
C GLN C 9 8.05 17.01 -37.97
N VAL C 10 9.28 16.97 -37.48
CA VAL C 10 10.15 18.13 -37.58
C VAL C 10 11.59 17.77 -37.95
N PRO C 11 12.12 18.50 -38.96
CA PRO C 11 13.43 18.41 -39.63
C PRO C 11 14.51 19.31 -39.00
N GLY C 12 15.74 18.83 -39.01
CA GLY C 12 16.85 19.60 -38.49
C GLY C 12 18.15 19.12 -39.10
N PHE C 13 19.00 20.06 -39.49
CA PHE C 13 20.28 19.73 -40.11
C PHE C 13 21.38 19.39 -39.12
N LEU C 14 22.28 18.49 -39.51
CA LEU C 14 23.37 18.10 -38.65
C LEU C 14 24.25 19.31 -38.38
N GLY C 15 24.66 19.47 -37.14
CA GLY C 15 25.51 20.58 -36.74
C GLY C 15 24.76 21.87 -36.48
N ASP C 16 23.43 21.82 -36.61
CA ASP C 16 22.62 23.01 -36.36
C ASP C 16 21.68 22.81 -35.15
N SER C 17 20.84 23.80 -34.89
CA SER C 17 19.89 23.70 -33.79
C SER C 17 18.46 23.62 -34.30
N VAL C 18 17.55 23.16 -33.44
CA VAL C 18 16.13 23.06 -33.80
C VAL C 18 15.23 23.13 -32.55
N THR C 19 14.00 23.60 -32.72
CA THR C 19 13.04 23.67 -31.63
C THR C 19 11.90 22.70 -31.89
N LEU C 20 11.61 21.86 -30.90
CA LEU C 20 10.46 20.95 -30.97
C LEU C 20 9.29 21.61 -30.24
N PRO C 21 8.40 22.22 -31.02
CA PRO C 21 7.28 22.94 -30.40
C PRO C 21 6.24 21.98 -29.84
N CYS C 22 5.81 22.26 -28.61
CA CYS C 22 4.81 21.46 -27.93
C CYS C 22 4.08 22.43 -27.04
N TYR C 23 2.76 22.51 -27.22
CA TYR C 23 2.01 23.52 -26.50
C TYR C 23 0.69 22.97 -25.98
N LEU C 24 0.29 23.38 -24.76
CA LEU C 24 -0.99 22.91 -24.23
C LEU C 24 -2.12 23.92 -24.37
N GLN C 25 -3.08 23.54 -25.21
CA GLN C 25 -4.22 24.37 -25.55
C GLN C 25 -5.32 24.11 -24.55
N VAL C 26 -5.61 25.14 -23.75
CA VAL C 26 -6.58 25.05 -22.67
C VAL C 26 -7.65 26.11 -22.86
N PRO C 27 -8.90 25.67 -23.03
CA PRO C 27 -10.07 26.57 -23.13
C PRO C 27 -10.17 27.49 -21.92
N ASN C 28 -10.67 28.70 -22.13
CA ASN C 28 -10.80 29.64 -21.04
C ASN C 28 -11.78 29.14 -20.00
N MET C 29 -12.66 28.25 -20.43
CA MET C 29 -13.80 27.85 -19.63
C MET C 29 -13.49 26.61 -18.79
N GLU C 30 -12.32 26.01 -19.01
CA GLU C 30 -11.97 24.79 -18.31
C GLU C 30 -10.95 25.07 -17.24
N VAL C 31 -10.99 24.28 -16.17
CA VAL C 31 -10.04 24.41 -15.08
C VAL C 31 -9.05 23.25 -15.09
N THR C 32 -7.76 23.58 -15.10
CA THR C 32 -6.71 22.57 -15.01
C THR C 32 -5.51 23.12 -14.25
N HIS C 33 -4.62 22.22 -13.84
CA HIS C 33 -3.34 22.62 -13.26
C HIS C 33 -2.21 21.78 -13.85
N VAL C 34 -1.19 22.45 -14.38
CA VAL C 34 -0.03 21.76 -14.94
C VAL C 34 1.15 21.82 -13.99
N SER C 35 1.63 20.66 -13.58
CA SER C 35 2.57 20.57 -12.49
C SER C 35 3.96 20.32 -13.04
N GLN C 36 4.02 19.58 -14.14
CA GLN C 36 5.29 19.18 -14.70
C GLN C 36 5.21 19.00 -16.22
N LEU C 37 6.37 19.14 -16.87
CA LEU C 37 6.51 18.91 -18.31
C LEU C 37 7.58 17.86 -18.47
N THR C 38 7.33 16.86 -19.28
CA THR C 38 8.31 15.81 -19.47
C THR C 38 8.53 15.49 -20.94
N TRP C 39 9.79 15.52 -21.37
CA TRP C 39 10.18 15.00 -22.67
C TRP C 39 10.94 13.72 -22.46
N ALA C 40 10.74 12.77 -23.36
CA ALA C 40 11.58 11.58 -23.35
C ALA C 40 11.58 10.92 -24.71
N ARG C 41 12.62 10.16 -25.02
CA ARG C 41 12.58 9.33 -26.20
C ARG C 41 11.37 8.39 -26.11
N HIS C 42 10.62 8.31 -27.20
CA HIS C 42 9.37 7.57 -27.23
C HIS C 42 9.56 6.10 -26.84
N GLY C 43 8.61 5.57 -26.08
CA GLY C 43 8.62 4.17 -25.72
C GLY C 43 9.49 3.74 -24.54
N GLU C 44 10.18 4.68 -23.90
CA GLU C 44 10.99 4.31 -22.74
C GLU C 44 10.69 5.09 -21.45
N SER C 45 10.96 4.47 -20.31
CA SER C 45 10.71 5.09 -19.01
C SER C 45 11.81 6.09 -18.68
N GLY C 46 11.60 6.92 -17.68
CA GLY C 46 12.56 7.96 -17.38
C GLY C 46 12.34 9.17 -18.27
N SER C 47 13.38 9.97 -18.42
CA SER C 47 13.24 11.25 -19.11
C SER C 47 14.49 11.69 -19.88
N MET C 48 14.35 12.86 -20.49
CA MET C 48 15.37 13.46 -21.33
C MET C 48 15.56 14.89 -20.83
N ALA C 49 14.43 15.52 -20.56
CA ALA C 49 14.40 16.85 -20.00
C ALA C 49 13.13 16.97 -19.19
N VAL C 50 13.21 17.59 -18.01
CA VAL C 50 12.01 17.79 -17.19
C VAL C 50 11.82 19.20 -16.67
N PHE C 51 10.60 19.71 -16.67
CA PHE C 51 10.35 21.02 -16.11
C PHE C 51 9.34 20.98 -15.00
N HIS C 52 9.79 21.37 -13.80
CA HIS C 52 8.95 21.29 -12.62
C HIS C 52 8.51 22.66 -12.12
N GLN C 53 7.25 22.74 -11.73
CA GLN C 53 6.62 24.00 -11.34
C GLN C 53 7.29 24.72 -10.18
N THR C 54 8.04 23.99 -9.36
CA THR C 54 8.86 24.63 -8.33
C THR C 54 10.36 24.40 -8.55
N GLN C 55 10.75 23.17 -8.89
CA GLN C 55 12.17 22.85 -9.03
C GLN C 55 12.81 23.37 -10.31
N GLY C 56 12.00 23.84 -11.25
CA GLY C 56 12.51 24.36 -12.50
C GLY C 56 12.80 23.28 -13.53
N PRO C 57 13.76 23.54 -14.43
CA PRO C 57 14.13 22.58 -15.48
C PRO C 57 15.31 21.68 -15.10
N SER C 58 15.19 20.40 -15.41
CA SER C 58 16.31 19.49 -15.36
C SER C 58 16.58 18.85 -16.72
N TYR C 59 17.83 18.46 -16.93
CA TYR C 59 18.21 17.85 -18.19
C TYR C 59 19.00 16.57 -17.92
N SER C 60 18.38 15.45 -18.27
CA SER C 60 19.02 14.21 -17.97
C SER C 60 20.23 14.03 -18.85
N GLU C 61 21.35 14.40 -18.24
CA GLU C 61 22.66 14.27 -18.86
C GLU C 61 22.77 14.80 -20.31
N SER C 62 22.73 16.12 -20.51
CA SER C 62 22.87 16.64 -21.89
C SER C 62 23.73 17.88 -22.18
N LYS C 63 23.35 19.04 -21.69
CA LYS C 63 24.12 20.23 -22.02
C LYS C 63 23.75 20.68 -23.44
N ARG C 64 22.91 19.91 -24.12
CA ARG C 64 22.44 20.24 -25.47
C ARG C 64 20.92 20.45 -25.62
N LEU C 65 20.19 20.57 -24.50
CA LEU C 65 18.74 20.80 -24.51
C LEU C 65 18.33 22.03 -23.71
N GLU C 66 17.25 22.68 -24.12
CA GLU C 66 16.76 23.83 -23.36
C GLU C 66 15.27 24.09 -23.52
N PHE C 67 14.58 24.31 -22.40
CA PHE C 67 13.19 24.73 -22.45
C PHE C 67 13.09 26.22 -22.84
N VAL C 68 12.89 26.48 -24.12
CA VAL C 68 12.86 27.85 -24.63
C VAL C 68 11.70 28.72 -24.14
N ALA C 69 10.58 28.11 -23.77
CA ALA C 69 9.36 28.88 -23.57
C ALA C 69 8.69 28.77 -22.21
N ALA C 70 9.37 28.18 -21.22
CA ALA C 70 8.74 27.92 -19.93
C ALA C 70 9.55 28.45 -18.73
N ARG C 71 8.89 29.20 -17.84
CA ARG C 71 9.55 29.86 -16.70
C ARG C 71 8.90 29.56 -15.34
N LEU C 72 9.70 29.60 -14.27
CA LEU C 72 9.14 29.56 -12.92
C LEU C 72 8.25 30.78 -12.63
N GLY C 73 7.04 30.52 -12.13
CA GLY C 73 6.16 31.59 -11.69
C GLY C 73 5.11 32.06 -12.68
N ALA C 74 5.03 31.41 -13.84
CA ALA C 74 3.97 31.67 -14.80
C ALA C 74 3.34 30.34 -15.23
N GLU C 75 2.11 30.40 -15.72
CA GLU C 75 1.36 29.19 -16.05
C GLU C 75 2.15 28.29 -17.00
N LEU C 76 2.19 26.99 -16.68
CA LEU C 76 2.87 26.01 -17.53
C LEU C 76 2.06 25.62 -18.78
N ARG C 77 2.37 26.24 -19.90
CA ARG C 77 1.62 25.95 -21.13
C ARG C 77 2.49 25.52 -22.30
N ASN C 78 3.70 26.06 -22.39
CA ASN C 78 4.56 25.70 -23.49
C ASN C 78 5.72 24.82 -23.08
N ALA C 79 5.74 23.62 -23.66
CA ALA C 79 6.79 22.65 -23.44
C ALA C 79 7.87 22.71 -24.53
N SER C 80 7.70 23.65 -25.46
CA SER C 80 8.63 23.78 -26.58
C SER C 80 10.09 23.60 -26.17
N LEU C 81 10.73 22.60 -26.78
CA LEU C 81 12.12 22.24 -26.47
C LEU C 81 13.10 22.52 -27.61
N ARG C 82 14.30 22.99 -27.27
CA ARG C 82 15.36 23.28 -28.27
C ARG C 82 16.63 22.42 -28.12
N MET C 83 17.00 21.72 -29.20
CA MET C 83 18.24 20.93 -29.27
C MET C 83 19.36 21.70 -30.01
N PHE C 84 20.55 21.65 -29.42
CA PHE C 84 21.73 22.32 -29.97
C PHE C 84 22.74 21.33 -30.55
N GLY C 85 23.46 21.74 -31.60
CA GLY C 85 24.50 20.91 -32.20
C GLY C 85 23.98 19.56 -32.61
N LEU C 86 22.94 19.55 -33.44
CA LEU C 86 22.26 18.33 -33.81
C LEU C 86 23.24 17.23 -34.23
N ARG C 87 22.88 15.99 -33.99
CA ARG C 87 23.71 14.87 -34.38
C ARG C 87 22.87 13.81 -35.05
N VAL C 88 23.55 12.84 -35.65
CA VAL C 88 22.85 11.81 -36.41
C VAL C 88 22.17 10.85 -35.44
N GLU C 89 22.69 10.74 -34.22
CA GLU C 89 22.02 9.93 -33.20
C GLU C 89 20.69 10.52 -32.70
N ASP C 90 20.48 11.81 -32.93
CA ASP C 90 19.26 12.46 -32.47
C ASP C 90 18.08 12.19 -33.39
N GLU C 91 18.33 11.53 -34.50
CA GLU C 91 17.22 11.10 -35.34
C GLU C 91 16.31 10.30 -34.45
N GLY C 92 15.02 10.63 -34.46
CA GLY C 92 14.09 9.82 -33.69
C GLY C 92 12.79 10.41 -33.19
N ASN C 93 11.95 9.51 -32.69
CA ASN C 93 10.66 9.86 -32.16
C ASN C 93 10.78 10.28 -30.67
N TYR C 94 10.08 11.34 -30.29
CA TYR C 94 10.16 11.87 -28.94
C TYR C 94 8.78 12.24 -28.42
N THR C 95 8.52 11.81 -27.18
CA THR C 95 7.28 12.11 -26.50
C THR C 95 7.39 13.39 -25.71
N CYS C 96 6.50 14.32 -26.02
CA CYS C 96 6.29 15.50 -25.21
C CYS C 96 5.02 15.32 -24.39
N LEU C 97 5.13 15.54 -23.08
CA LEU C 97 4.08 15.20 -22.13
C LEU C 97 3.82 16.26 -21.07
N PHE C 98 2.54 16.59 -20.91
CA PHE C 98 2.09 17.48 -19.88
C PHE C 98 1.44 16.69 -18.76
N VAL C 99 1.88 16.97 -17.54
CA VAL C 99 1.35 16.36 -16.31
C VAL C 99 0.32 17.29 -15.72
N THR C 100 -0.95 16.92 -15.81
CA THR C 100 -2.02 17.81 -15.35
C THR C 100 -3.05 17.15 -14.42
N PHE C 101 -3.79 18.02 -13.72
CA PHE C 101 -4.79 17.64 -12.73
C PHE C 101 -6.02 18.53 -12.86
N PRO C 102 -7.23 17.96 -12.93
CA PRO C 102 -7.64 16.54 -12.85
C PRO C 102 -7.57 15.78 -14.17
N GLN C 103 -7.02 16.37 -15.22
CA GLN C 103 -7.19 15.75 -16.53
C GLN C 103 -6.25 14.60 -16.76
N GLY C 104 -5.11 14.63 -16.07
CA GLY C 104 -4.10 13.61 -16.22
C GLY C 104 -3.06 13.98 -17.25
N SER C 105 -2.42 12.97 -17.85
CA SER C 105 -1.38 13.21 -18.84
C SER C 105 -1.92 13.53 -20.24
N ARG C 106 -1.33 14.52 -20.89
CA ARG C 106 -1.57 14.79 -22.32
C ARG C 106 -0.24 14.74 -23.07
N SER C 107 -0.13 13.89 -24.08
CA SER C 107 1.14 13.78 -24.77
C SER C 107 1.01 13.76 -26.28
N VAL C 108 2.14 13.99 -26.96
CA VAL C 108 2.23 13.81 -28.40
C VAL C 108 3.58 13.20 -28.73
N ASP C 109 3.61 12.44 -29.81
CA ASP C 109 4.90 12.01 -30.35
C ASP C 109 5.30 12.90 -31.52
N ILE C 110 6.61 13.09 -31.63
CA ILE C 110 7.19 13.97 -32.63
C ILE C 110 8.41 13.30 -33.26
N TRP C 111 8.41 13.19 -34.59
CA TRP C 111 9.53 12.57 -35.30
C TRP C 111 10.60 13.61 -35.59
N LEU C 112 11.76 13.49 -34.95
CA LEU C 112 12.88 14.36 -35.33
C LEU C 112 13.71 13.67 -36.40
N ARG C 113 13.65 14.20 -37.60
CA ARG C 113 14.43 13.64 -38.70
C ARG C 113 15.62 14.57 -38.93
N VAL C 114 16.82 14.01 -38.82
CA VAL C 114 18.05 14.75 -39.02
C VAL C 114 18.58 14.60 -40.45
N LEU C 115 18.96 15.72 -41.05
CA LEU C 115 19.40 15.77 -42.44
C LEU C 115 20.86 16.23 -42.56
N ALA C 116 21.42 16.04 -43.76
CA ALA C 116 22.78 16.47 -44.06
C ALA C 116 22.79 17.55 -45.14
N ASP D 1 12.05 -18.31 25.20
CA ASP D 1 10.79 -18.03 24.52
C ASP D 1 9.75 -17.56 25.50
N VAL D 2 8.97 -16.58 25.10
CA VAL D 2 7.79 -16.16 25.87
C VAL D 2 6.66 -17.21 25.75
N VAL D 3 6.12 -17.67 26.89
CA VAL D 3 5.19 -18.79 26.84
C VAL D 3 3.94 -18.57 27.70
N VAL D 4 2.76 -18.76 27.11
CA VAL D 4 1.54 -18.59 27.88
C VAL D 4 1.24 -19.81 28.74
N GLN D 5 1.02 -19.58 30.03
CA GLN D 5 0.59 -20.66 30.89
C GLN D 5 -0.88 -20.53 31.29
N ALA D 6 -1.65 -21.56 30.95
CA ALA D 6 -3.04 -21.63 31.34
C ALA D 6 -3.45 -23.08 31.51
N PRO D 7 -4.50 -23.33 32.29
CA PRO D 7 -5.07 -24.66 32.32
C PRO D 7 -5.76 -24.87 31.00
N THR D 8 -5.99 -26.12 30.62
CA THR D 8 -6.70 -26.39 29.38
C THR D 8 -8.22 -26.33 29.56
N GLN D 9 -8.67 -26.40 30.83
CA GLN D 9 -10.09 -26.30 31.16
C GLN D 9 -10.32 -25.69 32.54
N VAL D 10 -11.50 -25.12 32.71
CA VAL D 10 -11.92 -24.48 33.96
C VAL D 10 -13.42 -24.67 34.20
N PRO D 11 -13.78 -25.41 35.26
CA PRO D 11 -15.16 -25.62 35.71
C PRO D 11 -15.67 -24.43 36.51
N GLY D 12 -16.88 -24.00 36.21
CA GLY D 12 -17.52 -22.91 36.92
C GLY D 12 -18.91 -23.35 37.34
N PHE D 13 -19.51 -22.63 38.29
CA PHE D 13 -20.85 -23.01 38.77
C PHE D 13 -21.89 -21.99 38.33
N LEU D 14 -22.95 -22.49 37.70
CA LEU D 14 -23.99 -21.63 37.17
C LEU D 14 -24.45 -20.57 38.18
N GLY D 15 -24.29 -19.31 37.77
CA GLY D 15 -24.73 -18.19 38.58
C GLY D 15 -23.58 -17.73 39.45
N ASP D 16 -22.58 -18.58 39.57
CA ASP D 16 -21.38 -18.22 40.32
C ASP D 16 -20.38 -17.50 39.40
N SER D 17 -19.30 -17.01 39.99
CA SER D 17 -18.23 -16.39 39.22
C SER D 17 -17.07 -17.37 39.04
N VAL D 18 -16.15 -17.03 38.15
CA VAL D 18 -14.97 -17.86 37.96
C VAL D 18 -13.87 -17.06 37.26
N THR D 19 -12.62 -17.48 37.39
CA THR D 19 -11.55 -16.77 36.69
C THR D 19 -10.92 -17.70 35.69
N LEU D 20 -10.77 -17.20 34.47
CA LEU D 20 -9.97 -17.87 33.46
C LEU D 20 -8.58 -17.35 33.63
N PRO D 21 -7.64 -18.22 34.05
CA PRO D 21 -6.27 -17.77 34.30
C PRO D 21 -5.45 -17.90 33.03
N CYS D 22 -4.70 -16.85 32.69
CA CYS D 22 -3.86 -16.84 31.49
C CYS D 22 -2.65 -16.01 31.79
N TYR D 23 -1.47 -16.61 31.71
CA TYR D 23 -0.26 -15.91 32.12
C TYR D 23 0.90 -16.05 31.12
N LEU D 24 1.63 -14.95 30.94
CA LEU D 24 2.81 -14.96 30.08
C LEU D 24 4.11 -15.02 30.85
N GLN D 25 4.78 -16.14 30.67
CA GLN D 25 6.08 -16.41 31.28
C GLN D 25 7.17 -15.88 30.38
N VAL D 26 7.88 -14.87 30.88
CA VAL D 26 8.93 -14.18 30.15
C VAL D 26 10.27 -14.38 30.87
N PRO D 27 11.20 -15.13 30.27
CA PRO D 27 12.52 -15.30 30.89
C PRO D 27 13.26 -13.99 31.18
N ASN D 28 13.99 -13.95 32.28
CA ASN D 28 14.76 -12.78 32.66
C ASN D 28 15.80 -12.43 31.60
N MET D 29 16.34 -13.45 30.95
CA MET D 29 17.42 -13.30 29.98
C MET D 29 16.90 -12.85 28.61
N GLU D 30 15.57 -12.84 28.47
CA GLU D 30 14.92 -12.56 27.19
C GLU D 30 14.22 -11.21 27.18
N VAL D 31 14.17 -10.59 26.00
CA VAL D 31 13.68 -9.22 25.86
C VAL D 31 12.37 -9.14 25.06
N THR D 32 11.39 -8.43 25.60
CA THR D 32 10.07 -8.42 24.99
C THR D 32 9.23 -7.21 25.36
N HIS D 33 8.19 -6.98 24.58
CA HIS D 33 7.22 -5.93 24.89
C HIS D 33 5.82 -6.35 24.50
N VAL D 34 4.93 -6.32 25.49
CA VAL D 34 3.56 -6.75 25.30
C VAL D 34 2.70 -5.48 25.19
N SER D 35 1.91 -5.39 24.11
CA SER D 35 1.19 -4.17 23.79
C SER D 35 -0.26 -4.33 24.23
N GLN D 36 -0.80 -5.54 24.10
CA GLN D 36 -2.14 -5.75 24.58
C GLN D 36 -2.62 -7.17 24.90
N LEU D 37 -3.67 -7.27 25.72
CA LEU D 37 -4.34 -8.54 25.99
C LEU D 37 -5.67 -8.70 25.29
N THR D 38 -5.85 -9.77 24.54
CA THR D 38 -7.09 -10.00 23.83
C THR D 38 -7.74 -11.31 24.19
N TRP D 39 -9.01 -11.22 24.59
CA TRP D 39 -9.81 -12.41 24.84
C TRP D 39 -10.92 -12.53 23.78
N ALA D 40 -11.11 -13.75 23.26
CA ALA D 40 -12.25 -13.95 22.37
C ALA D 40 -12.79 -15.36 22.47
N ARG D 41 -14.01 -15.59 21.97
CA ARG D 41 -14.58 -16.95 21.88
C ARG D 41 -13.92 -17.71 20.75
N HIS D 42 -13.34 -18.88 21.06
CA HIS D 42 -12.57 -19.62 20.05
C HIS D 42 -13.31 -19.69 18.72
N GLY D 43 -12.58 -19.35 17.66
CA GLY D 43 -13.10 -19.27 16.31
C GLY D 43 -13.29 -17.84 15.86
N GLU D 44 -13.99 -17.07 16.67
CA GLU D 44 -14.31 -15.67 16.38
C GLU D 44 -13.13 -14.71 16.38
N SER D 45 -13.21 -13.72 15.50
CA SER D 45 -12.17 -12.70 15.41
C SER D 45 -12.74 -11.40 15.96
N GLY D 46 -12.10 -10.89 16.99
CA GLY D 46 -12.53 -9.66 17.64
C GLY D 46 -12.18 -9.84 19.10
N SER D 47 -12.50 -8.86 19.95
CA SER D 47 -12.18 -9.02 21.35
C SER D 47 -13.34 -8.87 22.32
N MET D 48 -13.65 -9.95 23.03
CA MET D 48 -14.71 -9.94 24.03
C MET D 48 -14.23 -9.03 25.15
N ALA D 49 -12.93 -9.16 25.41
CA ALA D 49 -12.18 -8.43 26.42
C ALA D 49 -10.82 -8.04 25.87
N VAL D 50 -10.46 -6.77 26.04
CA VAL D 50 -9.21 -6.26 25.50
C VAL D 50 -8.58 -5.33 26.52
N PHE D 51 -7.29 -5.51 26.79
CA PHE D 51 -6.58 -4.60 27.65
C PHE D 51 -5.41 -4.02 26.85
N HIS D 52 -5.37 -2.70 26.77
CA HIS D 52 -4.34 -2.02 26.02
C HIS D 52 -3.42 -1.18 26.91
N GLN D 53 -2.14 -1.13 26.53
CA GLN D 53 -1.05 -0.66 27.38
C GLN D 53 -1.18 0.79 27.80
N THR D 54 -2.05 1.53 27.12
CA THR D 54 -2.21 2.96 27.33
C THR D 54 -3.68 3.28 27.53
N GLN D 55 -4.54 2.51 26.87
CA GLN D 55 -5.99 2.72 26.90
C GLN D 55 -6.68 1.90 27.99
N GLY D 56 -5.95 0.97 28.57
CA GLY D 56 -6.49 0.16 29.65
C GLY D 56 -7.49 -0.84 29.11
N PRO D 57 -8.47 -1.25 29.96
CA PRO D 57 -9.35 -2.35 29.61
C PRO D 57 -10.59 -1.87 28.90
N SER D 58 -11.23 -2.82 28.25
CA SER D 58 -12.45 -2.57 27.50
C SER D 58 -13.08 -3.92 27.24
N TYR D 59 -14.20 -4.14 27.91
CA TYR D 59 -14.92 -5.38 27.78
C TYR D 59 -16.06 -5.06 26.87
N SER D 60 -16.44 -6.02 26.03
CA SER D 60 -17.52 -5.79 25.09
C SER D 60 -18.77 -6.64 25.31
N GLU D 61 -18.58 -7.84 25.87
CA GLU D 61 -19.72 -8.71 26.13
C GLU D 61 -20.64 -8.04 27.13
N SER D 62 -20.06 -7.42 28.14
CA SER D 62 -20.84 -6.75 29.16
C SER D 62 -20.01 -6.43 30.40
N LYS D 63 -20.71 -5.97 31.43
CA LYS D 63 -20.10 -5.63 32.72
C LYS D 63 -20.11 -6.88 33.62
N ARG D 64 -19.94 -8.02 32.97
CA ARG D 64 -19.81 -9.30 33.64
C ARG D 64 -18.42 -9.89 33.36
N LEU D 65 -17.52 -9.01 32.95
CA LEU D 65 -16.14 -9.38 32.70
C LEU D 65 -15.18 -8.44 33.39
N GLU D 66 -14.06 -8.97 33.88
CA GLU D 66 -13.05 -8.13 34.54
C GLU D 66 -11.60 -8.64 34.41
N PHE D 67 -10.68 -7.76 34.02
CA PHE D 67 -9.25 -8.08 34.08
C PHE D 67 -8.75 -7.98 35.54
N VAL D 68 -8.49 -9.13 36.15
CA VAL D 68 -8.19 -9.16 37.57
C VAL D 68 -6.76 -8.71 37.91
N ALA D 69 -5.83 -8.90 36.98
CA ALA D 69 -4.43 -8.49 37.20
C ALA D 69 -4.02 -7.23 36.44
N ALA D 70 -4.17 -7.22 35.12
CA ALA D 70 -3.72 -6.09 34.29
C ALA D 70 -4.02 -4.70 34.85
N ARG D 71 -3.00 -3.85 34.96
CA ARG D 71 -3.18 -2.45 35.32
C ARG D 71 -2.33 -1.62 34.40
N LEU D 72 -2.72 -0.36 34.16
CA LEU D 72 -1.85 0.58 33.45
C LEU D 72 -0.52 0.77 34.18
N GLY D 73 0.44 1.38 33.50
CA GLY D 73 1.70 1.74 34.13
C GLY D 73 2.43 0.61 34.84
N ALA D 74 2.20 -0.61 34.34
CA ALA D 74 2.80 -1.82 34.86
C ALA D 74 2.86 -2.86 33.74
N GLU D 75 3.95 -3.62 33.63
CA GLU D 75 4.15 -4.53 32.49
C GLU D 75 3.04 -5.57 32.41
N LEU D 76 2.51 -5.79 31.21
CA LEU D 76 1.42 -6.74 31.04
C LEU D 76 1.92 -8.20 30.92
N ARG D 77 1.60 -9.04 31.92
CA ARG D 77 2.03 -10.44 31.95
C ARG D 77 0.87 -11.34 32.31
N ASN D 78 -0.02 -10.80 33.13
CA ASN D 78 -1.16 -11.57 33.56
C ASN D 78 -2.40 -11.04 32.92
N ALA D 79 -2.95 -11.86 32.05
CA ALA D 79 -4.19 -11.54 31.35
C ALA D 79 -5.42 -12.19 32.00
N SER D 80 -5.30 -12.60 33.25
CA SER D 80 -6.34 -13.40 33.88
C SER D 80 -7.73 -12.74 33.89
N LEU D 81 -8.73 -13.53 33.50
CA LEU D 81 -10.04 -12.97 33.27
C LEU D 81 -11.15 -13.54 34.16
N ARG D 82 -11.89 -12.65 34.81
CA ARG D 82 -12.95 -13.06 35.72
C ARG D 82 -14.28 -12.87 35.02
N MET D 83 -15.14 -13.87 35.14
CA MET D 83 -16.50 -13.87 34.58
C MET D 83 -17.56 -14.08 35.67
N PHE D 84 -18.45 -13.09 35.79
CA PHE D 84 -19.45 -13.04 36.87
C PHE D 84 -20.82 -13.62 36.47
N GLY D 85 -21.39 -14.44 37.33
CA GLY D 85 -22.71 -15.01 37.03
C GLY D 85 -22.82 -15.79 35.72
N LEU D 86 -22.01 -16.82 35.57
CA LEU D 86 -21.99 -17.65 34.36
C LEU D 86 -23.32 -18.29 33.93
N ARG D 87 -23.54 -18.33 32.63
CA ARG D 87 -24.70 -18.95 32.01
C ARG D 87 -24.48 -20.20 31.18
N VAL D 88 -25.47 -21.09 31.10
CA VAL D 88 -25.29 -22.34 30.35
C VAL D 88 -24.68 -21.84 29.05
N GLU D 89 -25.13 -20.67 28.60
CA GLU D 89 -24.67 -20.09 27.35
C GLU D 89 -23.23 -19.56 27.39
N ASP D 90 -22.48 -19.87 28.44
CA ASP D 90 -21.12 -19.36 28.56
C ASP D 90 -20.13 -20.46 28.30
N GLU D 91 -20.63 -21.69 28.33
CA GLU D 91 -19.80 -22.85 28.03
C GLU D 91 -19.22 -22.80 26.61
N GLY D 92 -17.90 -22.88 26.52
CA GLY D 92 -17.23 -22.91 25.23
C GLY D 92 -15.75 -22.77 25.40
N ASN D 93 -15.05 -22.68 24.26
CA ASN D 93 -13.60 -22.49 24.22
C ASN D 93 -13.31 -20.98 24.12
N TYR D 94 -12.22 -20.54 24.74
CA TYR D 94 -11.87 -19.14 24.73
C TYR D 94 -10.40 -19.04 24.39
N THR D 95 -10.01 -17.89 23.89
CA THR D 95 -8.64 -17.68 23.49
C THR D 95 -8.13 -16.47 24.24
N CYS D 96 -7.06 -16.74 24.98
CA CYS D 96 -6.27 -15.69 25.58
C CYS D 96 -5.08 -15.43 24.67
N LEU D 97 -4.87 -14.16 24.33
CA LEU D 97 -3.81 -13.81 23.42
C LEU D 97 -2.99 -12.62 23.89
N PHE D 98 -1.68 -12.77 23.80
CA PHE D 98 -0.72 -11.74 24.12
C PHE D 98 -0.13 -11.19 22.84
N VAL D 99 -0.14 -9.88 22.75
CA VAL D 99 0.27 -9.15 21.56
C VAL D 99 1.67 -8.60 21.79
N THR D 100 2.69 -9.38 21.42
CA THR D 100 4.06 -9.01 21.77
C THR D 100 4.97 -8.61 20.60
N PHE D 101 6.02 -7.85 20.93
CA PHE D 101 7.06 -7.42 19.99
C PHE D 101 8.44 -7.71 20.59
N PRO D 102 9.32 -8.43 19.86
CA PRO D 102 9.19 -8.91 18.47
C PRO D 102 8.69 -10.35 18.31
N GLN D 103 8.33 -11.02 19.40
CA GLN D 103 7.98 -12.44 19.31
C GLN D 103 6.75 -12.68 18.49
N GLY D 104 5.82 -11.73 18.53
CA GLY D 104 4.56 -11.89 17.85
C GLY D 104 3.49 -12.35 18.81
N SER D 105 2.47 -13.01 18.27
CA SER D 105 1.35 -13.40 19.11
C SER D 105 1.60 -14.72 19.85
N ARG D 106 1.28 -14.72 21.15
CA ARG D 106 1.31 -15.94 21.96
C ARG D 106 -0.09 -16.19 22.46
N SER D 107 -0.66 -17.37 22.23
CA SER D 107 -2.05 -17.59 22.63
C SER D 107 -2.40 -19.00 23.17
N VAL D 108 -3.50 -19.11 23.91
CA VAL D 108 -3.99 -20.43 24.27
C VAL D 108 -5.51 -20.52 24.28
N ASP D 109 -5.98 -21.75 24.16
CA ASP D 109 -7.39 -22.06 24.26
C ASP D 109 -7.71 -22.67 25.62
N ILE D 110 -8.65 -22.02 26.30
CA ILE D 110 -9.13 -22.44 27.61
C ILE D 110 -10.60 -22.86 27.50
N TRP D 111 -10.91 -24.09 27.90
CA TRP D 111 -12.30 -24.56 27.89
C TRP D 111 -13.06 -24.14 29.16
N LEU D 112 -14.17 -23.43 29.01
CA LEU D 112 -14.99 -23.08 30.16
C LEU D 112 -16.21 -24.00 30.29
N ARG D 113 -16.24 -24.78 31.37
CA ARG D 113 -17.31 -25.75 31.61
C ARG D 113 -18.31 -25.32 32.67
N VAL D 114 -19.54 -24.99 32.25
CA VAL D 114 -20.55 -24.53 33.19
C VAL D 114 -21.30 -25.70 33.83
N LEU D 115 -21.56 -25.60 35.12
CA LEU D 115 -22.28 -26.64 35.88
C LEU D 115 -21.35 -27.80 36.20
C1 NAG E . 8.60 5.83 -37.85
C2 NAG E . 9.98 5.31 -37.48
C3 NAG E . 10.71 4.77 -38.71
C4 NAG E . 9.82 3.96 -39.68
C5 NAG E . 8.27 4.00 -39.44
C6 NAG E . 7.74 2.57 -39.25
C7 NAG E . 11.75 6.11 -35.99
C8 NAG E . 12.83 7.14 -35.85
N2 NAG E . 10.77 6.37 -36.87
O3 NAG E . 11.78 3.95 -38.28
O4 NAG E . 10.15 4.31 -41.03
O5 NAG E . 7.79 4.77 -38.35
O6 NAG E . 6.63 2.31 -40.08
O7 NAG E . 11.79 5.09 -35.30
C1 NAG F . 7.40 28.93 -28.46
C2 NAG F . 6.05 29.41 -29.03
C3 NAG F . 6.04 29.52 -30.54
C4 NAG F . 7.32 30.19 -31.08
C5 NAG F . 8.58 29.59 -30.46
C6 NAG F . 9.83 30.33 -31.00
C7 NAG F . 3.67 28.99 -28.42
C8 NAG F . 2.56 28.33 -29.22
N2 NAG F . 4.94 28.55 -28.60
O3 NAG F . 4.91 30.28 -30.88
O4 NAG F . 7.41 30.14 -32.50
O5 NAG F . 8.55 29.55 -29.03
O6 NAG F . 10.11 30.02 -32.36
O7 NAG F . 3.37 29.90 -27.64
C1 NAG G . -3.29 -14.26 38.79
C2 NAG G . -2.02 -14.97 39.25
C3 NAG G . -2.37 -16.32 39.88
C4 NAG G . -3.32 -16.06 41.04
C5 NAG G . -4.62 -15.45 40.47
C6 NAG G . -5.65 -15.16 41.60
C7 NAG G . 0.26 -15.21 38.29
C8 NAG G . 0.95 -16.50 37.92
N2 NAG G . -1.09 -15.16 38.15
O3 NAG G . -1.20 -17.01 40.28
O4 NAG G . -3.59 -17.22 41.83
O5 NAG G . -4.37 -14.25 39.71
O6 NAG G . -5.77 -16.22 42.53
O7 NAG G . 0.93 -14.25 38.68
C1 NAG H . -13.01 -28.19 23.42
C2 NAG H . -14.42 -28.52 22.96
C3 NAG H . -14.52 -30.05 22.80
C4 NAG H . -13.51 -30.50 21.76
C5 NAG H . -12.09 -29.99 22.05
C6 NAG H . -11.24 -30.10 20.78
C7 NAG H . -16.51 -27.35 23.64
C8 NAG H . -17.79 -28.05 24.05
N2 NAG H . -15.38 -28.01 23.93
O3 NAG H . -15.83 -30.45 22.42
O4 NAG H . -13.52 -31.92 21.70
O5 NAG H . -12.02 -28.64 22.52
O6 NAG H . -9.94 -29.60 20.96
O7 NAG H . -16.56 -26.25 23.11
#